data_4RWL
#
_entry.id   4RWL
#
_cell.length_a   207.166
_cell.length_b   57.860
_cell.length_c   65.658
_cell.angle_alpha   90.000
_cell.angle_beta   107.190
_cell.angle_gamma   90.000
#
_symmetry.space_group_name_H-M   'C 1 2 1'
#
loop_
_entity.id
_entity.type
_entity.pdbx_description
1 polymer 'Fibroblast growth factor receptor 1'
2 non-polymer 6-({7-[(1-aminocyclopropyl)methoxy]-6-methoxyquinolin-4-yl}oxy)-N-methylnaphthalene-1-carboxamide
3 non-polymer 'SULFATE ION'
4 water water
#
_entity_poly.entity_id   1
_entity_poly.type   'polypeptide(L)'
_entity_poly.pdbx_seq_one_letter_code
;MGHHHHHHMAGVSEYELPEDPRWELPRDRLVLGKPLGEGAFGQVVLAEAIGLDKDKPNRVTKVAVKMLKSDATEKDLSDL
ISEMEMMKMIGKHKNIINLLGACTQDGPLYVIVEYASKGNLREYLQARRPPGLEYSYNPSHNPEEQLSSKDLVSCAYQVA
RGMEYLASKKCIHRDLAARNVLVTEDNVMKIADFGLARDIHHIDYYKKTTNGRLPVKWMAPEALFDRIYTHQSDVWSFGV
LLWEIFTLGGSPYPGVPVEELFKLLKEGHRMDKPSNCTNELYMMMRDCWHAVPSQRPTFKQLVEDLDRIVALTSNQE
;
_entity_poly.pdbx_strand_id   A,B
#
loop_
_chem_comp.id
_chem_comp.type
_chem_comp.name
_chem_comp.formula
3ZC non-polymer 6-({7-[(1-aminocyclopropyl)methoxy]-6-methoxyquinolin-4-yl}oxy)-N-methylnaphthalene-1-carboxamide 'C26 H25 N3 O4'
SO4 non-polymer 'SULFATE ION' 'O4 S -2'
#
# COMPACT_ATOMS: atom_id res chain seq x y z
N LEU A 17 37.44 15.32 30.19
CA LEU A 17 37.07 13.90 30.21
C LEU A 17 38.26 13.03 30.59
N PRO A 18 37.99 11.90 31.27
CA PRO A 18 39.07 10.98 31.63
C PRO A 18 39.62 10.21 30.42
N GLU A 19 40.91 9.90 30.41
CA GLU A 19 41.48 9.13 29.32
C GLU A 19 41.24 7.63 29.56
N ASP A 20 41.02 6.90 28.48
CA ASP A 20 40.87 5.47 28.48
C ASP A 20 41.82 4.89 27.45
N PRO A 21 42.98 4.41 27.90
CA PRO A 21 44.06 3.95 27.01
C PRO A 21 43.64 2.75 26.17
N ARG A 22 42.53 2.11 26.50
CA ARG A 22 41.97 1.04 25.67
C ARG A 22 41.61 1.57 24.28
N TRP A 23 41.11 2.80 24.25
CA TRP A 23 40.50 3.36 23.06
C TRP A 23 41.13 4.66 22.54
N GLU A 24 42.08 5.24 23.28
CA GLU A 24 42.57 6.58 22.94
C GLU A 24 43.44 6.59 21.68
N LEU A 25 43.12 7.51 20.77
CA LEU A 25 43.99 7.72 19.60
C LEU A 25 44.47 9.17 19.63
N PRO A 26 45.78 9.38 19.45
CA PRO A 26 46.31 10.76 19.38
C PRO A 26 45.66 11.55 18.25
N ARG A 27 45.23 12.78 18.52
CA ARG A 27 44.52 13.58 17.54
C ARG A 27 45.27 13.73 16.20
N ASP A 28 46.59 13.66 16.22
CA ASP A 28 47.33 13.86 14.99
C ASP A 28 47.36 12.60 14.13
N ARG A 29 46.67 11.55 14.58
CA ARG A 29 46.55 10.32 13.80
C ARG A 29 45.22 10.28 13.06
N LEU A 30 44.48 11.37 13.10
CA LEU A 30 43.15 11.38 12.53
C LEU A 30 43.05 12.53 11.54
N VAL A 31 43.05 12.21 10.25
CA VAL A 31 42.94 13.22 9.21
C VAL A 31 41.47 13.42 8.82
N LEU A 32 40.88 14.49 9.35
CA LEU A 32 39.47 14.78 9.11
C LEU A 32 39.18 15.11 7.65
N GLY A 33 38.03 14.64 7.16
CA GLY A 33 37.67 14.85 5.76
C GLY A 33 36.27 15.42 5.58
N LYS A 34 35.57 14.98 4.55
CA LYS A 34 34.26 15.54 4.20
C LYS A 34 33.18 15.18 5.23
N PRO A 35 32.19 16.08 5.41
CA PRO A 35 31.05 15.77 6.29
C PRO A 35 30.27 14.57 5.74
N LEU A 36 29.65 13.80 6.63
CA LEU A 36 28.82 12.68 6.19
C LEU A 36 27.36 12.96 6.54
N GLY A 37 27.13 13.72 7.59
CA GLY A 37 25.77 14.06 8.00
C GLY A 37 25.70 15.01 9.19
N GLU A 38 24.54 15.66 9.35
CA GLU A 38 24.30 16.58 10.44
C GLU A 38 22.84 16.54 10.88
N GLN A 43 26.97 15.40 14.80
CA GLN A 43 27.59 15.60 13.50
C GLN A 43 28.63 14.52 13.19
N VAL A 44 28.69 14.08 11.93
CA VAL A 44 29.61 13.03 11.48
C VAL A 44 30.45 13.40 10.26
N VAL A 45 31.77 13.18 10.33
CA VAL A 45 32.64 13.41 9.18
C VAL A 45 33.42 12.16 8.79
N LEU A 46 33.78 12.06 7.50
CA LEU A 46 34.66 11.01 7.03
C LEU A 46 36.10 11.35 7.45
N ALA A 47 36.88 10.34 7.77
CA ALA A 47 38.25 10.59 8.20
C ALA A 47 39.15 9.43 7.85
N GLU A 48 40.44 9.70 7.97
CA GLU A 48 41.49 8.70 7.80
C GLU A 48 42.28 8.57 9.10
N ALA A 49 42.32 7.35 9.64
CA ALA A 49 43.06 7.04 10.86
C ALA A 49 44.40 6.35 10.53
N ILE A 50 45.49 6.92 11.01
CA ILE A 50 46.80 6.35 10.75
C ILE A 50 47.16 5.43 11.89
N GLY A 51 47.46 4.18 11.57
CA GLY A 51 47.89 3.25 12.60
C GLY A 51 46.87 3.05 13.69
N LEU A 52 45.65 2.74 13.27
CA LEU A 52 44.55 2.45 14.18
C LEU A 52 44.94 1.20 14.98
N ASP A 53 45.40 0.20 14.26
CA ASP A 53 46.01 -0.98 14.85
C ASP A 53 47.37 -0.58 15.42
N LYS A 54 47.56 -0.77 16.72
CA LYS A 54 48.87 -0.56 17.33
C LYS A 54 49.91 -1.44 16.63
N ASP A 55 49.50 -2.66 16.31
CA ASP A 55 50.32 -3.62 15.57
C ASP A 55 50.64 -3.12 14.17
N LYS A 56 49.72 -2.38 13.57
CA LYS A 56 49.91 -1.88 12.21
C LYS A 56 49.89 -0.34 12.14
N PRO A 57 51.06 0.29 12.31
CA PRO A 57 51.22 1.75 12.46
C PRO A 57 51.37 2.55 11.14
N ASN A 58 51.66 1.90 10.02
CA ASN A 58 51.82 2.67 8.79
C ASN A 58 50.67 2.60 7.77
N ARG A 59 49.55 1.99 8.19
CA ARG A 59 48.36 1.82 7.35
C ARG A 59 47.30 2.88 7.61
N VAL A 60 46.66 3.42 6.57
CA VAL A 60 45.51 4.32 6.77
C VAL A 60 44.20 3.53 6.69
N THR A 61 43.30 3.82 7.63
CA THR A 61 41.95 3.25 7.62
C THR A 61 40.88 4.34 7.51
N LYS A 62 40.01 4.24 6.52
CA LYS A 62 38.86 5.13 6.44
C LYS A 62 37.93 4.81 7.60
N VAL A 63 37.48 5.84 8.31
CA VAL A 63 36.63 5.68 9.49
C VAL A 63 35.61 6.80 9.50
N ALA A 64 34.56 6.66 10.30
CA ALA A 64 33.60 7.75 10.49
C ALA A 64 33.80 8.32 11.88
N VAL A 65 33.73 9.64 12.00
CA VAL A 65 34.01 10.30 13.27
C VAL A 65 32.83 11.11 13.73
N LYS A 66 32.29 10.78 14.90
CA LYS A 66 31.20 11.55 15.46
C LYS A 66 31.73 12.58 16.46
N MET A 67 31.14 13.78 16.44
CA MET A 67 31.60 14.89 17.24
C MET A 67 30.44 15.85 17.48
N LEU A 68 30.62 16.79 18.42
CA LEU A 68 29.57 17.77 18.69
C LEU A 68 29.62 18.97 17.74
N LYS A 69 28.50 19.68 17.62
CA LYS A 69 28.45 20.90 16.82
C LYS A 69 28.85 22.11 17.67
N SER A 70 29.09 23.25 17.02
CA SER A 70 29.62 24.41 17.73
C SER A 70 28.61 24.98 18.73
N ASP A 71 27.35 24.60 18.58
CA ASP A 71 26.29 25.08 19.45
C ASP A 71 25.92 24.03 20.50
N ALA A 72 26.77 23.03 20.68
CA ALA A 72 26.46 21.92 21.57
C ALA A 72 26.36 22.33 23.04
N THR A 73 25.57 21.57 23.79
CA THR A 73 25.35 21.81 25.20
C THR A 73 26.02 20.75 26.06
N GLU A 74 25.95 20.91 27.38
CA GLU A 74 26.46 19.89 28.28
C GLU A 74 25.68 18.60 28.08
N LYS A 75 24.39 18.72 27.81
CA LYS A 75 23.54 17.56 27.57
C LYS A 75 23.91 16.86 26.27
N ASP A 76 24.17 17.65 25.24
CA ASP A 76 24.64 17.11 23.96
C ASP A 76 25.92 16.30 24.19
N LEU A 77 26.83 16.84 24.99
CA LEU A 77 28.11 16.20 25.30
C LEU A 77 27.93 14.91 26.09
N SER A 78 27.01 14.93 27.05
CA SER A 78 26.79 13.78 27.91
C SER A 78 26.22 12.60 27.12
N ASP A 79 25.38 12.90 26.14
CA ASP A 79 24.86 11.86 25.27
C ASP A 79 25.96 11.16 24.45
N LEU A 80 26.85 11.95 23.86
CA LEU A 80 27.92 11.41 23.04
C LEU A 80 28.81 10.48 23.87
N ILE A 81 29.12 10.90 25.10
CA ILE A 81 29.92 10.10 26.03
C ILE A 81 29.21 8.79 26.34
N SER A 82 27.90 8.86 26.58
CA SER A 82 27.12 7.68 26.91
C SER A 82 27.00 6.69 25.75
N GLU A 83 26.88 7.20 24.52
CA GLU A 83 26.87 6.34 23.35
C GLU A 83 28.20 5.60 23.24
N MET A 84 29.30 6.34 23.41
CA MET A 84 30.63 5.74 23.38
C MET A 84 30.83 4.68 24.49
N GLU A 85 30.40 5.00 25.71
CA GLU A 85 30.53 4.05 26.82
C GLU A 85 29.71 2.80 26.55
N MET A 86 28.48 2.97 26.08
CA MET A 86 27.65 1.81 25.76
C MET A 86 28.32 0.91 24.70
N MET A 87 28.97 1.53 23.71
CA MET A 87 29.63 0.75 22.65
C MET A 87 30.79 -0.07 23.18
N LYS A 88 31.60 0.52 24.06
CA LYS A 88 32.66 -0.26 24.75
C LYS A 88 32.11 -1.49 25.47
N MET A 89 31.05 -1.30 26.24
CA MET A 89 30.45 -2.41 26.98
C MET A 89 29.87 -3.48 26.06
N ILE A 90 29.23 -3.09 24.97
CA ILE A 90 28.54 -4.04 24.10
C ILE A 90 29.50 -4.98 23.35
N GLY A 91 30.67 -4.47 22.97
CA GLY A 91 31.65 -5.31 22.33
C GLY A 91 31.41 -5.48 20.84
N LYS A 92 32.31 -6.20 20.19
CA LYS A 92 32.41 -6.23 18.72
C LYS A 92 31.55 -7.30 18.06
N HIS A 93 30.99 -6.95 16.91
CA HIS A 93 30.34 -7.94 16.06
C HIS A 93 30.39 -7.49 14.60
N LYS A 94 30.52 -8.45 13.70
CA LYS A 94 30.57 -8.17 12.27
C LYS A 94 29.36 -7.35 11.76
N ASN A 95 28.18 -7.54 12.36
CA ASN A 95 26.99 -6.89 11.83
C ASN A 95 26.47 -5.71 12.65
N ILE A 96 27.37 -5.04 13.34
CA ILE A 96 27.06 -3.74 13.94
C ILE A 96 28.17 -2.75 13.63
N ILE A 97 27.86 -1.47 13.71
CA ILE A 97 28.88 -0.45 13.59
C ILE A 97 29.78 -0.47 14.83
N ASN A 98 31.04 -0.86 14.68
CA ASN A 98 31.92 -1.01 15.84
C ASN A 98 32.72 0.25 16.18
N LEU A 99 32.90 0.46 17.47
CA LEU A 99 33.81 1.47 18.00
C LEU A 99 35.23 1.09 17.63
N LEU A 100 36.00 2.06 17.11
CA LEU A 100 37.40 1.80 16.75
C LEU A 100 38.43 2.59 17.57
N GLY A 101 37.98 3.66 18.23
CA GLY A 101 38.88 4.52 19.00
C GLY A 101 38.18 5.81 19.40
N ALA A 102 38.90 6.69 20.09
CA ALA A 102 38.35 7.99 20.48
C ALA A 102 39.48 8.99 20.75
N CYS A 103 39.23 10.26 20.43
CA CYS A 103 40.07 11.37 20.88
C CYS A 103 39.36 12.14 21.96
N THR A 104 39.81 11.97 23.20
CA THR A 104 39.07 12.51 24.34
C THR A 104 39.82 13.60 25.10
N GLN A 105 41.12 13.70 24.85
CA GLN A 105 41.93 14.67 25.59
C GLN A 105 42.31 15.89 24.75
N ASP A 106 42.27 17.07 25.39
CA ASP A 106 42.80 18.30 24.81
C ASP A 106 42.20 18.67 23.45
N GLY A 107 40.90 18.92 23.44
CA GLY A 107 40.18 19.23 22.22
C GLY A 107 38.81 18.59 22.24
N PRO A 108 38.00 18.86 21.21
CA PRO A 108 36.61 18.36 21.12
C PRO A 108 36.57 16.83 21.19
N LEU A 109 35.49 16.28 21.72
CA LEU A 109 35.36 14.82 21.77
C LEU A 109 35.13 14.22 20.39
N TYR A 110 35.95 13.24 20.01
CA TYR A 110 35.77 12.49 18.78
C TYR A 110 35.53 11.01 19.06
N VAL A 111 34.39 10.48 18.63
CA VAL A 111 34.13 9.04 18.76
C VAL A 111 34.26 8.42 17.38
N ILE A 112 35.21 7.51 17.23
CA ILE A 112 35.59 6.99 15.92
C ILE A 112 35.00 5.59 15.70
N VAL A 113 34.17 5.45 14.68
CA VAL A 113 33.54 4.17 14.39
C VAL A 113 33.80 3.69 12.95
N GLU A 114 33.42 2.44 12.67
CA GLU A 114 33.58 1.88 11.34
C GLU A 114 32.81 2.70 10.29
N TYR A 115 33.41 2.83 9.12
CA TYR A 115 32.81 3.59 8.02
C TYR A 115 32.08 2.66 7.09
N ALA A 116 30.86 3.06 6.71
CA ALA A 116 30.08 2.27 5.78
C ALA A 116 29.95 3.04 4.46
N SER A 117 30.72 2.66 3.44
CA SER A 117 30.83 3.49 2.22
C SER A 117 29.62 3.41 1.30
N LYS A 118 28.77 2.39 1.43
CA LYS A 118 27.64 2.31 0.50
C LYS A 118 26.33 2.83 1.10
N GLY A 119 26.44 3.63 2.17
CA GLY A 119 25.29 4.31 2.76
C GLY A 119 24.36 3.45 3.61
N ASN A 120 23.14 3.90 3.85
CA ASN A 120 22.22 3.04 4.59
C ASN A 120 21.47 2.09 3.66
N LEU A 121 20.85 1.08 4.26
CA LEU A 121 20.27 -0.02 3.53
C LEU A 121 19.13 0.44 2.59
N ARG A 122 18.38 1.45 3.02
CA ARG A 122 17.33 2.01 2.17
C ARG A 122 17.93 2.53 0.87
N GLU A 123 18.97 3.37 1.01
CA GLU A 123 19.68 3.96 -0.14
C GLU A 123 20.28 2.86 -1.00
N TYR A 124 20.91 1.91 -0.33
CA TYR A 124 21.60 0.82 -1.00
C TYR A 124 20.63 0.04 -1.86
N LEU A 125 19.44 -0.21 -1.32
CA LEU A 125 18.43 -0.98 -2.04
C LEU A 125 17.84 -0.17 -3.20
N GLN A 126 17.53 1.10 -2.94
CA GLN A 126 16.88 1.93 -3.94
C GLN A 126 17.79 2.10 -5.15
N ALA A 127 19.08 2.28 -4.89
CA ALA A 127 20.07 2.51 -5.95
C ALA A 127 20.27 1.27 -6.80
N ARG A 128 19.74 0.13 -6.35
CA ARG A 128 19.91 -1.12 -7.09
C ARG A 128 18.57 -1.68 -7.60
N ARG A 129 17.55 -0.82 -7.66
CA ARG A 129 16.29 -1.17 -8.30
C ARG A 129 16.44 -1.30 -9.82
N PRO A 130 15.71 -2.25 -10.44
CA PRO A 130 15.62 -2.39 -11.90
C PRO A 130 15.33 -1.06 -12.60
N PRO A 131 15.75 -0.93 -13.86
CA PRO A 131 15.65 0.31 -14.63
C PRO A 131 14.22 0.73 -14.96
N GLU A 144 23.49 0.66 -9.20
CA GLU A 144 24.61 -0.26 -9.45
C GLU A 144 24.07 -1.60 -9.93
N GLU A 145 24.80 -2.67 -9.64
CA GLU A 145 24.39 -4.02 -10.05
C GLU A 145 23.01 -4.43 -9.51
N GLN A 146 22.52 -5.58 -9.94
CA GLN A 146 21.25 -6.09 -9.44
C GLN A 146 21.46 -6.97 -8.21
N LEU A 147 20.43 -7.07 -7.38
CA LEU A 147 20.45 -7.97 -6.25
C LEU A 147 19.63 -9.19 -6.57
N SER A 148 20.20 -10.37 -6.36
CA SER A 148 19.43 -11.61 -6.48
C SER A 148 18.49 -11.79 -5.29
N SER A 149 17.59 -12.78 -5.39
CA SER A 149 16.74 -13.12 -4.27
C SER A 149 17.55 -13.62 -3.08
N LYS A 150 18.65 -14.31 -3.36
CA LYS A 150 19.51 -14.80 -2.29
C LYS A 150 20.12 -13.61 -1.56
N ASP A 151 20.63 -12.65 -2.32
CA ASP A 151 21.18 -11.41 -1.77
C ASP A 151 20.23 -10.71 -0.79
N LEU A 152 18.95 -10.62 -1.14
CA LEU A 152 17.98 -9.92 -0.29
C LEU A 152 17.76 -10.64 1.04
N VAL A 153 17.61 -11.96 0.97
CA VAL A 153 17.43 -12.75 2.18
C VAL A 153 18.71 -12.72 3.02
N SER A 154 19.84 -12.68 2.36
CA SER A 154 21.13 -12.51 3.04
C SER A 154 21.20 -11.17 3.80
N CYS A 155 20.72 -10.08 3.21
CA CYS A 155 20.62 -8.82 3.95
C CYS A 155 19.82 -9.01 5.24
N ALA A 156 18.67 -9.68 5.12
CA ALA A 156 17.81 -9.90 6.27
C ALA A 156 18.54 -10.74 7.31
N TYR A 157 19.25 -11.77 6.84
CA TYR A 157 19.97 -12.66 7.73
C TYR A 157 21.02 -11.87 8.52
N GLN A 158 21.82 -11.07 7.82
CA GLN A 158 22.86 -10.27 8.47
C GLN A 158 22.29 -9.32 9.53
N VAL A 159 21.17 -8.66 9.23
CA VAL A 159 20.57 -7.74 10.17
C VAL A 159 20.05 -8.50 11.39
N ALA A 160 19.42 -9.65 11.14
CA ALA A 160 18.90 -10.49 12.23
C ALA A 160 20.07 -10.91 13.13
N ARG A 161 21.19 -11.21 12.48
CA ARG A 161 22.37 -11.66 13.19
C ARG A 161 22.95 -10.53 14.03
N GLY A 162 22.96 -9.33 13.48
CA GLY A 162 23.42 -8.18 14.24
C GLY A 162 22.55 -7.94 15.48
N MET A 163 21.24 -8.04 15.26
CA MET A 163 20.27 -7.80 16.32
C MET A 163 20.30 -8.89 17.39
N GLU A 164 20.59 -10.13 16.96
CA GLU A 164 20.68 -11.23 17.91
C GLU A 164 21.89 -10.98 18.81
N TYR A 165 22.97 -10.47 18.23
CA TYR A 165 24.13 -10.15 19.03
C TYR A 165 23.79 -9.09 20.06
N LEU A 166 23.17 -8.02 19.59
CA LEU A 166 22.80 -6.92 20.47
C LEU A 166 21.85 -7.37 21.56
N ALA A 167 20.81 -8.13 21.18
CA ALA A 167 19.89 -8.68 22.17
C ALA A 167 20.67 -9.44 23.23
N SER A 168 21.61 -10.28 22.81
CA SER A 168 22.41 -11.06 23.73
C SER A 168 23.24 -10.17 24.67
N LYS A 169 23.44 -8.91 24.32
CA LYS A 169 24.12 -7.96 25.21
C LYS A 169 23.12 -7.05 25.88
N LYS A 170 21.85 -7.45 25.88
CA LYS A 170 20.78 -6.74 26.58
C LYS A 170 20.55 -5.36 26.03
N CYS A 171 20.97 -5.14 24.79
CA CYS A 171 20.72 -3.88 24.11
C CYS A 171 19.38 -3.90 23.34
N ILE A 172 18.55 -2.91 23.58
CA ILE A 172 17.32 -2.71 22.85
C ILE A 172 17.52 -1.52 21.93
N HIS A 173 17.25 -1.69 20.64
CA HIS A 173 17.58 -0.65 19.67
C HIS A 173 16.59 0.50 19.75
N ARG A 174 15.30 0.17 19.66
CA ARG A 174 14.17 1.12 19.71
C ARG A 174 13.93 1.88 18.39
N ASP A 175 14.84 1.80 17.43
CA ASP A 175 14.53 2.37 16.11
C ASP A 175 15.18 1.56 14.99
N LEU A 176 14.97 0.25 15.02
CA LEU A 176 15.47 -0.60 13.99
C LEU A 176 14.69 -0.30 12.69
N ALA A 177 15.43 0.04 11.64
CA ALA A 177 14.87 0.44 10.35
C ALA A 177 16.02 0.37 9.35
N ALA A 178 15.68 0.29 8.06
CA ALA A 178 16.73 0.20 7.04
C ALA A 178 17.63 1.43 7.10
N ARG A 179 17.08 2.58 7.47
CA ARG A 179 17.87 3.81 7.59
C ARG A 179 18.97 3.69 8.64
N ASN A 180 18.80 2.78 9.60
CA ASN A 180 19.83 2.60 10.62
C ASN A 180 20.59 1.30 10.43
N VAL A 181 20.52 0.78 9.21
CA VAL A 181 21.42 -0.29 8.82
C VAL A 181 22.35 0.28 7.79
N LEU A 182 23.66 0.24 8.05
CA LEU A 182 24.63 0.80 7.12
C LEU A 182 25.29 -0.35 6.39
N VAL A 183 25.77 -0.08 5.18
CA VAL A 183 26.33 -1.10 4.31
C VAL A 183 27.81 -0.76 3.97
N THR A 184 28.72 -1.69 4.24
CA THR A 184 30.15 -1.44 3.99
C THR A 184 30.52 -1.66 2.52
N GLU A 185 31.77 -1.33 2.20
CA GLU A 185 32.33 -1.48 0.86
C GLU A 185 32.28 -2.94 0.41
N ASP A 186 32.29 -3.85 1.37
CA ASP A 186 32.20 -5.27 1.04
C ASP A 186 30.78 -5.81 1.22
N ASN A 187 29.81 -4.92 1.28
CA ASN A 187 28.38 -5.28 1.34
C ASN A 187 27.96 -5.96 2.65
N VAL A 188 28.66 -5.65 3.73
CA VAL A 188 28.28 -6.20 5.04
C VAL A 188 27.24 -5.27 5.64
N MET A 189 26.14 -5.83 6.12
CA MET A 189 25.16 -5.03 6.84
C MET A 189 25.63 -4.76 8.27
N LYS A 190 25.62 -3.50 8.68
CA LYS A 190 25.95 -3.12 10.04
C LYS A 190 24.88 -2.26 10.69
N ILE A 191 24.37 -2.72 11.82
CA ILE A 191 23.41 -1.97 12.59
C ILE A 191 24.06 -0.75 13.26
N ALA A 192 23.41 0.39 13.10
CA ALA A 192 23.91 1.65 13.61
C ALA A 192 22.94 2.25 14.59
N ASP A 193 23.45 3.18 15.41
CA ASP A 193 22.63 3.97 16.32
C ASP A 193 21.98 3.09 17.37
N PHE A 194 22.62 1.98 17.70
CA PHE A 194 22.08 1.11 18.73
C PHE A 194 22.41 1.65 20.11
N GLY A 195 23.42 2.50 20.18
CA GLY A 195 24.00 2.93 21.44
C GLY A 195 23.45 4.24 21.93
N LEU A 196 22.54 4.82 21.15
CA LEU A 196 21.91 6.09 21.49
C LEU A 196 20.96 5.96 22.69
N ALA A 197 20.75 7.07 23.40
CA ALA A 197 19.80 7.11 24.50
C ALA A 197 18.56 7.91 24.13
N ARG A 198 17.39 7.49 24.60
CA ARG A 198 16.13 8.11 24.19
C ARG A 198 15.47 8.93 25.29
N ASP A 199 14.80 10.00 24.89
CA ASP A 199 14.06 10.85 25.82
C ASP A 199 12.78 10.16 26.31
N ILE A 203 9.34 11.63 23.09
CA ILE A 203 9.52 11.42 21.66
C ILE A 203 8.46 12.17 20.86
N ASP A 204 8.87 12.83 19.79
CA ASP A 204 7.94 13.56 18.94
C ASP A 204 7.43 12.72 17.75
N TYR A 205 6.17 12.28 17.84
CA TYR A 205 5.61 11.40 16.82
C TYR A 205 5.43 12.06 15.46
N TYR A 206 5.30 13.38 15.42
CA TYR A 206 5.06 14.08 14.16
C TYR A 206 6.36 14.50 13.45
N LYS A 207 7.48 14.36 14.13
CA LYS A 207 8.78 14.68 13.55
C LYS A 207 9.17 13.67 12.47
N LYS A 208 9.53 14.17 11.30
CA LYS A 208 9.92 13.31 10.18
C LYS A 208 11.44 13.16 10.06
N THR A 209 11.87 12.10 9.40
CA THR A 209 13.28 11.90 9.10
C THR A 209 13.68 12.86 7.99
N THR A 210 14.98 12.98 7.75
CA THR A 210 15.47 13.84 6.68
C THR A 210 14.87 13.41 5.34
N ASN A 211 14.51 12.13 5.21
CA ASN A 211 13.93 11.64 3.96
C ASN A 211 12.40 11.77 3.91
N GLY A 212 11.82 12.36 4.95
CA GLY A 212 10.39 12.66 4.97
C GLY A 212 9.43 11.59 5.48
N ARG A 213 9.94 10.59 6.20
CA ARG A 213 9.07 9.53 6.73
C ARG A 213 8.94 9.64 8.26
N LEU A 214 7.93 8.96 8.79
CA LEU A 214 7.59 9.00 10.22
C LEU A 214 8.05 7.75 10.95
N PRO A 215 9.02 7.90 11.87
CA PRO A 215 9.56 6.81 12.69
C PRO A 215 8.50 5.97 13.40
N VAL A 216 7.34 6.55 13.68
CA VAL A 216 6.28 5.78 14.34
C VAL A 216 5.87 4.57 13.51
N LYS A 217 6.16 4.55 12.21
CA LYS A 217 5.70 3.47 11.35
C LYS A 217 6.48 2.17 11.52
N TRP A 218 7.56 2.23 12.31
CA TRP A 218 8.37 1.07 12.67
C TRP A 218 8.12 0.62 14.13
N MET A 219 7.33 1.36 14.88
CA MET A 219 7.15 1.07 16.29
C MET A 219 6.09 0.02 16.60
N ALA A 220 6.45 -0.99 17.38
CA ALA A 220 5.45 -1.89 17.94
C ALA A 220 4.32 -1.10 18.58
N PRO A 221 3.09 -1.64 18.56
CA PRO A 221 1.98 -0.92 19.21
C PRO A 221 2.21 -0.73 20.71
N GLU A 222 2.75 -1.73 21.42
CA GLU A 222 2.96 -1.53 22.86
C GLU A 222 3.99 -0.42 23.07
N ALA A 223 4.92 -0.27 22.13
CA ALA A 223 5.94 0.78 22.26
C ALA A 223 5.33 2.15 21.97
N LEU A 224 4.47 2.18 20.97
CA LEU A 224 3.79 3.38 20.55
C LEU A 224 2.78 3.85 21.58
N PHE A 225 1.91 2.94 22.02
CA PHE A 225 0.83 3.28 22.94
C PHE A 225 1.21 3.24 24.44
N ASP A 226 2.01 2.26 24.86
CA ASP A 226 2.32 2.13 26.30
C ASP A 226 3.77 2.48 26.62
N ARG A 227 4.49 2.96 25.60
CA ARG A 227 5.90 3.31 25.72
C ARG A 227 6.69 2.18 26.32
N ILE A 228 6.28 0.95 26.01
CA ILE A 228 7.03 -0.22 26.42
C ILE A 228 7.92 -0.74 25.29
N TYR A 229 9.23 -0.62 25.51
CA TYR A 229 10.25 -1.07 24.56
C TYR A 229 10.97 -2.32 25.05
N THR A 230 10.98 -3.36 24.22
CA THR A 230 11.61 -4.64 24.56
C THR A 230 12.32 -5.20 23.35
N HIS A 231 12.96 -6.35 23.49
CA HIS A 231 13.50 -7.06 22.34
C HIS A 231 12.35 -7.45 21.41
N GLN A 232 11.19 -7.74 22.01
CA GLN A 232 10.04 -8.16 21.23
C GLN A 232 9.54 -7.01 20.36
N SER A 233 9.60 -5.77 20.88
CA SER A 233 9.18 -4.62 20.11
C SER A 233 10.17 -4.30 18.97
N ASP A 234 11.46 -4.55 19.21
CA ASP A 234 12.47 -4.52 18.13
C ASP A 234 12.16 -5.56 17.05
N VAL A 235 11.65 -6.73 17.45
CA VAL A 235 11.32 -7.78 16.49
C VAL A 235 10.19 -7.28 15.58
N TRP A 236 9.21 -6.59 16.15
CA TRP A 236 8.18 -5.91 15.34
C TRP A 236 8.85 -5.01 14.29
N SER A 237 9.76 -4.15 14.73
CA SER A 237 10.47 -3.24 13.83
C SER A 237 11.19 -4.03 12.73
N PHE A 238 11.76 -5.17 13.10
CA PHE A 238 12.46 -5.99 12.14
C PHE A 238 11.52 -6.50 11.04
N GLY A 239 10.27 -6.75 11.43
CA GLY A 239 9.28 -7.14 10.46
C GLY A 239 9.07 -6.03 9.43
N VAL A 240 8.96 -4.79 9.88
CA VAL A 240 8.83 -3.66 8.95
C VAL A 240 10.10 -3.56 8.09
N LEU A 241 11.25 -3.79 8.70
CA LEU A 241 12.52 -3.77 7.98
C LEU A 241 12.58 -4.83 6.87
N LEU A 242 12.08 -6.04 7.17
CA LEU A 242 11.93 -7.09 6.16
C LEU A 242 11.07 -6.60 4.99
N TRP A 243 9.99 -5.90 5.30
CA TRP A 243 9.13 -5.34 4.27
C TRP A 243 9.92 -4.33 3.42
N GLU A 244 10.74 -3.50 4.08
CA GLU A 244 11.61 -2.55 3.40
C GLU A 244 12.56 -3.24 2.44
N ILE A 245 13.15 -4.34 2.88
CA ILE A 245 14.09 -5.06 2.05
C ILE A 245 13.38 -5.61 0.80
N PHE A 246 12.26 -6.29 0.97
CA PHE A 246 11.67 -6.95 -0.18
C PHE A 246 10.85 -6.04 -1.09
N THR A 247 10.66 -4.79 -0.69
CA THR A 247 10.15 -3.76 -1.60
C THR A 247 11.29 -2.91 -2.18
N LEU A 248 12.52 -3.41 -2.07
CA LEU A 248 13.75 -2.70 -2.45
C LEU A 248 13.78 -1.24 -1.95
N GLY A 249 13.52 -1.04 -0.66
CA GLY A 249 13.60 0.28 -0.07
C GLY A 249 12.27 1.00 -0.12
N GLY A 250 11.18 0.25 -0.18
CA GLY A 250 9.86 0.86 -0.18
C GLY A 250 9.58 1.62 1.12
N SER A 251 8.60 2.51 1.08
CA SER A 251 8.23 3.32 2.22
C SER A 251 6.93 2.82 2.84
N PRO A 252 6.96 2.41 4.13
CA PRO A 252 5.77 1.90 4.83
C PRO A 252 4.66 2.95 4.92
N TYR A 253 3.42 2.54 4.67
CA TYR A 253 2.27 3.43 4.81
C TYR A 253 2.46 4.78 4.13
N PRO A 254 2.72 4.77 2.82
CA PRO A 254 2.92 6.08 2.18
C PRO A 254 1.65 6.93 2.24
N GLY A 255 1.81 8.18 2.65
CA GLY A 255 0.71 9.12 2.69
C GLY A 255 -0.16 9.00 3.92
N VAL A 256 0.25 8.15 4.86
CA VAL A 256 -0.49 7.95 6.09
C VAL A 256 0.04 8.79 7.24
N PRO A 257 -0.75 9.76 7.71
CA PRO A 257 -0.32 10.57 8.84
C PRO A 257 -0.46 9.81 10.15
N VAL A 258 0.16 10.35 11.19
CA VAL A 258 0.21 9.72 12.51
C VAL A 258 -1.14 9.29 13.05
N GLU A 259 -2.14 10.18 13.00
CA GLU A 259 -3.44 9.89 13.57
C GLU A 259 -4.12 8.72 12.85
N GLU A 260 -3.90 8.58 11.55
CA GLU A 260 -4.47 7.46 10.80
C GLU A 260 -3.68 6.18 11.03
N LEU A 261 -2.39 6.31 11.28
CA LEU A 261 -1.59 5.14 11.59
C LEU A 261 -2.10 4.48 12.89
N PHE A 262 -2.38 5.31 13.89
CA PHE A 262 -2.95 4.83 15.16
C PHE A 262 -4.20 3.98 14.92
N LYS A 263 -5.10 4.50 14.08
CA LYS A 263 -6.34 3.80 13.77
C LYS A 263 -6.08 2.46 13.09
N LEU A 264 -5.21 2.45 12.07
CA LEU A 264 -4.82 1.19 11.41
C LEU A 264 -4.26 0.17 12.43
N LEU A 265 -3.37 0.62 13.31
CA LEU A 265 -2.82 -0.31 14.31
C LEU A 265 -3.90 -0.88 15.26
N LYS A 266 -4.76 -0.01 15.77
CA LYS A 266 -5.83 -0.46 16.65
C LYS A 266 -6.77 -1.45 15.96
N GLU A 267 -6.96 -1.30 14.65
CA GLU A 267 -7.82 -2.22 13.91
C GLU A 267 -7.10 -3.49 13.48
N GLY A 268 -5.85 -3.68 13.91
CA GLY A 268 -5.13 -4.87 13.53
C GLY A 268 -4.74 -4.95 12.07
N HIS A 269 -4.65 -3.79 11.42
CA HIS A 269 -4.20 -3.73 10.04
C HIS A 269 -2.74 -4.17 9.88
N ARG A 270 -2.44 -4.83 8.77
CA ARG A 270 -1.10 -5.31 8.47
C ARG A 270 -0.79 -4.99 7.00
N MET A 271 0.42 -4.49 6.74
CA MET A 271 0.84 -4.14 5.39
C MET A 271 0.72 -5.32 4.44
N ASP A 272 0.37 -5.01 3.18
CA ASP A 272 0.29 -6.01 2.12
C ASP A 272 1.62 -6.73 1.87
N LYS A 273 1.53 -7.95 1.37
CA LYS A 273 2.70 -8.68 0.90
C LYS A 273 3.35 -8.06 -0.33
N PRO A 274 4.65 -7.77 -0.24
CA PRO A 274 5.36 -7.24 -1.42
C PRO A 274 5.40 -8.28 -2.54
N SER A 275 5.46 -7.84 -3.80
CA SER A 275 5.70 -8.79 -4.86
C SER A 275 7.17 -9.14 -4.75
N ASN A 276 7.60 -10.26 -5.33
CA ASN A 276 9.01 -10.64 -5.21
C ASN A 276 9.30 -10.94 -3.75
N CYS A 277 8.37 -11.70 -3.16
CA CYS A 277 8.42 -12.08 -1.76
C CYS A 277 7.65 -13.38 -1.62
N THR A 278 8.32 -14.41 -1.14
CA THR A 278 7.70 -15.71 -0.94
C THR A 278 6.64 -15.67 0.14
N ASN A 279 5.75 -16.64 0.14
CA ASN A 279 4.76 -16.76 1.21
C ASN A 279 5.45 -16.94 2.55
N GLU A 280 6.54 -17.71 2.57
CA GLU A 280 7.32 -17.98 3.79
C GLU A 280 7.88 -16.70 4.44
N LEU A 281 8.51 -15.84 3.64
CA LEU A 281 9.04 -14.58 4.15
C LEU A 281 7.90 -13.65 4.60
N TYR A 282 6.78 -13.68 3.92
CA TYR A 282 5.65 -12.84 4.31
C TYR A 282 5.05 -13.31 5.64
N MET A 283 4.98 -14.61 5.82
CA MET A 283 4.51 -15.14 7.08
C MET A 283 5.51 -14.80 8.17
N MET A 284 6.80 -14.73 7.83
CA MET A 284 7.81 -14.28 8.80
C MET A 284 7.50 -12.84 9.23
N MET A 285 7.14 -12.01 8.27
CA MET A 285 6.79 -10.62 8.55
C MET A 285 5.61 -10.53 9.47
N ARG A 286 4.57 -11.26 9.11
CA ARG A 286 3.35 -11.29 9.91
C ARG A 286 3.64 -11.83 11.32
N ASP A 287 4.53 -12.80 11.45
CA ASP A 287 4.85 -13.33 12.80
C ASP A 287 5.53 -12.28 13.66
N CYS A 288 6.47 -11.56 13.05
CA CYS A 288 7.13 -10.43 13.71
C CYS A 288 6.07 -9.41 14.11
N TRP A 289 4.97 -9.34 13.37
CA TRP A 289 3.92 -8.37 13.67
C TRP A 289 2.79 -8.94 14.53
N HIS A 290 3.07 -10.01 15.29
CA HIS A 290 2.05 -10.54 16.19
C HIS A 290 1.56 -9.45 17.11
N ALA A 291 0.25 -9.34 17.28
CA ALA A 291 -0.32 -8.41 18.24
C ALA A 291 0.20 -8.69 19.66
N VAL A 292 0.45 -9.96 19.97
CA VAL A 292 0.94 -10.30 21.31
C VAL A 292 2.46 -10.48 21.38
N PRO A 293 3.16 -9.55 22.09
CA PRO A 293 4.62 -9.53 22.05
C PRO A 293 5.28 -10.87 22.35
N SER A 294 4.71 -11.65 23.28
CA SER A 294 5.31 -12.92 23.67
C SER A 294 5.19 -13.98 22.56
N GLN A 295 4.27 -13.78 21.63
CA GLN A 295 4.12 -14.75 20.56
C GLN A 295 5.00 -14.46 19.33
N ARG A 296 5.66 -13.31 19.29
CA ARG A 296 6.56 -13.03 18.17
C ARG A 296 7.76 -13.95 18.23
N PRO A 297 8.35 -14.28 17.07
CA PRO A 297 9.64 -14.99 17.15
C PRO A 297 10.72 -14.16 17.82
N THR A 298 11.76 -14.80 18.36
CA THR A 298 12.95 -14.08 18.85
C THR A 298 13.95 -13.87 17.72
N PHE A 299 14.98 -13.07 17.99
CA PHE A 299 16.01 -12.84 16.98
C PHE A 299 16.82 -14.11 16.76
N LYS A 300 17.00 -14.90 17.81
CA LYS A 300 17.67 -16.19 17.64
C LYS A 300 16.91 -17.09 16.67
N GLN A 301 15.59 -17.16 16.82
CA GLN A 301 14.75 -17.95 15.94
C GLN A 301 14.81 -17.44 14.50
N LEU A 302 14.72 -16.12 14.32
CA LEU A 302 14.81 -15.47 13.00
C LEU A 302 16.14 -15.74 12.31
N VAL A 303 17.23 -15.69 13.06
CA VAL A 303 18.54 -15.97 12.50
C VAL A 303 18.56 -17.41 11.96
N GLU A 304 18.05 -18.35 12.76
CA GLU A 304 17.98 -19.75 12.34
C GLU A 304 17.10 -19.96 11.08
N ASP A 305 15.92 -19.37 11.08
CA ASP A 305 15.01 -19.54 9.95
C ASP A 305 15.62 -18.92 8.69
N LEU A 306 16.20 -17.73 8.84
CA LEU A 306 16.77 -17.03 7.69
C LEU A 306 17.99 -17.76 7.14
N ASP A 307 18.76 -18.33 8.04
CA ASP A 307 19.88 -19.19 7.67
C ASP A 307 19.42 -20.28 6.70
N ARG A 308 18.41 -21.04 7.12
CA ARG A 308 17.85 -22.11 6.30
C ARG A 308 17.29 -21.61 4.95
N ILE A 309 16.58 -20.49 4.98
CA ILE A 309 15.97 -19.92 3.77
C ILE A 309 17.01 -19.39 2.79
N VAL A 310 18.07 -18.76 3.29
CA VAL A 310 19.14 -18.29 2.43
C VAL A 310 19.67 -19.44 1.60
N ALA A 311 19.98 -20.54 2.27
CA ALA A 311 20.56 -21.69 1.58
C ALA A 311 19.65 -22.26 0.50
N LEU A 312 18.34 -22.10 0.67
CA LEU A 312 17.36 -22.66 -0.27
C LEU A 312 16.84 -21.64 -1.30
N THR A 313 17.36 -20.42 -1.26
CA THR A 313 16.88 -19.36 -2.13
C THR A 313 17.79 -19.22 -3.34
N SER A 314 17.20 -19.19 -4.54
CA SER A 314 17.97 -19.07 -5.77
C SER A 314 18.74 -17.76 -5.89
N ASN A 315 19.95 -17.83 -6.39
CA ASN A 315 20.64 -16.61 -6.81
C ASN A 315 20.55 -16.45 -8.33
N GLN A 316 19.80 -17.32 -8.99
CA GLN A 316 19.72 -17.28 -10.46
C GLN A 316 18.77 -16.19 -10.98
N GLU A 317 17.96 -15.65 -10.09
CA GLU A 317 17.24 -14.42 -10.41
C GLU A 317 17.05 -13.58 -9.14
N ALA B 10 -44.49 20.81 -13.48
CA ALA B 10 -43.03 20.81 -13.43
C ALA B 10 -42.48 19.64 -14.25
N GLY B 11 -42.54 19.77 -15.57
CA GLY B 11 -42.23 18.68 -16.48
C GLY B 11 -43.47 17.81 -16.59
N VAL B 12 -44.57 18.33 -16.02
CA VAL B 12 -45.86 17.66 -15.89
C VAL B 12 -45.78 16.47 -14.93
N SER B 13 -44.55 15.97 -14.76
CA SER B 13 -44.26 14.81 -13.93
C SER B 13 -44.52 15.04 -12.45
N GLU B 14 -44.85 16.28 -12.08
CA GLU B 14 -45.37 16.55 -10.74
C GLU B 14 -46.62 15.73 -10.51
N TYR B 15 -47.48 15.66 -11.53
CA TYR B 15 -48.78 14.99 -11.42
C TYR B 15 -48.87 13.70 -12.21
N GLU B 16 -48.26 13.65 -13.39
CA GLU B 16 -48.20 12.40 -14.13
C GLU B 16 -46.95 12.38 -15.02
N LEU B 17 -46.36 11.19 -15.14
CA LEU B 17 -45.20 10.98 -16.01
C LEU B 17 -45.65 10.62 -17.42
N PRO B 18 -44.83 10.98 -18.43
CA PRO B 18 -45.19 10.59 -19.80
C PRO B 18 -45.13 9.08 -19.95
N GLU B 19 -45.95 8.55 -20.84
CA GLU B 19 -45.99 7.11 -21.10
C GLU B 19 -44.94 6.63 -22.11
N ASP B 20 -44.40 5.44 -21.84
CA ASP B 20 -43.63 4.76 -22.87
C ASP B 20 -44.09 3.31 -22.84
N PRO B 21 -45.08 2.96 -23.70
CA PRO B 21 -45.64 1.61 -23.64
C PRO B 21 -44.65 0.51 -24.03
N ARG B 22 -43.54 0.85 -24.67
CA ARG B 22 -42.49 -0.12 -24.98
C ARG B 22 -41.91 -0.76 -23.72
N TRP B 23 -41.88 0.00 -22.62
CA TRP B 23 -41.20 -0.46 -21.42
C TRP B 23 -42.11 -0.64 -20.22
N GLU B 24 -43.37 -0.21 -20.35
CA GLU B 24 -44.26 -0.18 -19.18
C GLU B 24 -44.63 -1.58 -18.73
N LEU B 25 -44.51 -1.84 -17.44
CA LEU B 25 -44.97 -3.08 -16.88
C LEU B 25 -46.09 -2.80 -15.89
N PRO B 26 -47.20 -3.53 -16.01
CA PRO B 26 -48.32 -3.40 -15.07
C PRO B 26 -47.89 -3.68 -13.64
N ARG B 27 -48.28 -2.81 -12.70
CA ARG B 27 -47.87 -2.94 -11.31
C ARG B 27 -48.27 -4.28 -10.70
N ASP B 28 -49.35 -4.86 -11.20
CA ASP B 28 -49.80 -6.12 -10.63
C ASP B 28 -48.97 -7.29 -11.15
N ARG B 29 -48.02 -6.98 -12.03
CA ARG B 29 -47.08 -7.98 -12.51
C ARG B 29 -45.73 -7.84 -11.79
N LEU B 30 -45.72 -7.02 -10.73
CA LEU B 30 -44.50 -6.78 -9.94
C LEU B 30 -44.71 -6.97 -8.44
N VAL B 31 -44.14 -8.02 -7.89
CA VAL B 31 -44.18 -8.26 -6.45
C VAL B 31 -42.89 -7.80 -5.74
N LEU B 32 -42.95 -6.63 -5.10
CA LEU B 32 -41.80 -6.08 -4.36
C LEU B 32 -41.40 -6.98 -3.22
N GLY B 33 -40.10 -7.06 -2.93
CA GLY B 33 -39.60 -7.94 -1.88
C GLY B 33 -38.70 -7.21 -0.90
N LYS B 34 -37.65 -7.90 -0.44
CA LYS B 34 -36.77 -7.34 0.58
C LYS B 34 -35.93 -6.18 0.04
N PRO B 35 -35.61 -5.19 0.89
CA PRO B 35 -34.71 -4.10 0.51
C PRO B 35 -33.32 -4.62 0.17
N LEU B 36 -32.64 -3.98 -0.76
CA LEU B 36 -31.27 -4.39 -1.07
C LEU B 36 -30.30 -3.27 -0.68
N GLY B 37 -30.74 -2.03 -0.78
CA GLY B 37 -29.89 -0.91 -0.45
C GLY B 37 -30.62 0.41 -0.61
N GLU B 38 -30.08 1.44 0.04
CA GLU B 38 -30.65 2.79 -0.02
C GLU B 38 -29.52 3.79 0.02
N GLY B 39 -29.69 4.90 -0.69
CA GLY B 39 -28.70 5.97 -0.68
C GLY B 39 -29.40 7.28 -0.47
N ALA B 40 -28.84 8.36 -1.01
CA ALA B 40 -29.55 9.63 -1.02
C ALA B 40 -30.53 9.62 -2.19
N PHE B 41 -30.06 9.13 -3.34
CA PHE B 41 -30.84 9.14 -4.59
C PHE B 41 -32.20 8.46 -4.43
N GLY B 42 -32.26 7.43 -3.58
CA GLY B 42 -33.44 6.62 -3.44
C GLY B 42 -33.15 5.28 -2.78
N GLN B 43 -33.71 4.23 -3.36
CA GLN B 43 -33.73 2.94 -2.68
C GLN B 43 -33.89 1.80 -3.69
N VAL B 44 -33.27 0.66 -3.42
CA VAL B 44 -33.33 -0.47 -4.32
C VAL B 44 -33.93 -1.68 -3.59
N VAL B 45 -34.94 -2.30 -4.19
CA VAL B 45 -35.52 -3.49 -3.57
C VAL B 45 -35.51 -4.71 -4.48
N LEU B 46 -35.44 -5.87 -3.85
CA LEU B 46 -35.55 -7.12 -4.58
C LEU B 46 -37.01 -7.29 -4.97
N ALA B 47 -37.26 -7.84 -6.15
CA ALA B 47 -38.64 -8.05 -6.59
C ALA B 47 -38.77 -9.24 -7.52
N GLU B 48 -40.01 -9.66 -7.72
CA GLU B 48 -40.28 -10.68 -8.72
C GLU B 48 -41.18 -10.08 -9.76
N ALA B 49 -40.71 -10.12 -11.01
CA ALA B 49 -41.48 -9.63 -12.13
C ALA B 49 -42.10 -10.80 -12.86
N ILE B 50 -43.42 -10.75 -12.99
CA ILE B 50 -44.15 -11.80 -13.68
C ILE B 50 -44.33 -11.43 -15.14
N GLY B 51 -43.85 -12.29 -16.04
CA GLY B 51 -44.04 -12.13 -17.47
C GLY B 51 -43.48 -10.89 -18.15
N LEU B 52 -42.18 -10.66 -17.97
CA LEU B 52 -41.50 -9.54 -18.62
C LEU B 52 -41.53 -9.63 -20.14
N ASP B 53 -41.11 -10.79 -20.66
CA ASP B 53 -41.22 -11.09 -22.09
C ASP B 53 -42.66 -11.39 -22.49
N PRO B 57 -44.46 -15.43 -20.69
CA PRO B 57 -45.47 -14.47 -20.23
C PRO B 57 -46.05 -14.83 -18.86
N ASN B 58 -45.86 -16.08 -18.45
CA ASN B 58 -46.25 -16.53 -17.12
C ASN B 58 -45.01 -16.80 -16.27
N ARG B 59 -43.84 -16.37 -16.77
CA ARG B 59 -42.57 -16.66 -16.12
C ARG B 59 -42.18 -15.55 -15.15
N VAL B 60 -41.69 -15.95 -13.97
CA VAL B 60 -41.21 -14.99 -12.98
C VAL B 60 -39.69 -14.81 -13.09
N THR B 61 -39.28 -13.55 -13.12
CA THR B 61 -37.87 -13.17 -13.14
C THR B 61 -37.58 -12.43 -11.86
N LYS B 62 -36.58 -12.87 -11.11
CA LYS B 62 -36.11 -12.09 -9.97
C LYS B 62 -35.43 -10.84 -10.55
N VAL B 63 -35.76 -9.68 -9.99
CA VAL B 63 -35.27 -8.40 -10.52
C VAL B 63 -34.93 -7.41 -9.42
N ALA B 64 -34.18 -6.36 -9.77
CA ALA B 64 -33.95 -5.25 -8.86
C ALA B 64 -34.73 -4.02 -9.33
N VAL B 65 -35.32 -3.32 -8.37
CA VAL B 65 -36.17 -2.19 -8.64
C VAL B 65 -35.67 -0.95 -7.93
N LYS B 66 -35.35 0.08 -8.69
CA LYS B 66 -34.97 1.36 -8.09
C LYS B 66 -36.19 2.27 -8.04
N MET B 67 -36.30 3.03 -6.96
CA MET B 67 -37.46 3.89 -6.73
C MET B 67 -37.01 5.00 -5.84
N LEU B 68 -37.81 6.04 -5.71
CA LEU B 68 -37.44 7.10 -4.79
C LEU B 68 -37.78 6.70 -3.38
N LYS B 69 -37.17 7.38 -2.43
CA LYS B 69 -37.54 7.23 -1.04
C LYS B 69 -38.63 8.24 -0.74
N SER B 70 -39.31 8.08 0.38
CA SER B 70 -40.51 8.87 0.68
C SER B 70 -40.18 10.32 0.93
N ASP B 71 -38.90 10.63 1.13
CA ASP B 71 -38.54 12.01 1.38
C ASP B 71 -37.96 12.68 0.15
N ALA B 72 -38.08 12.03 -1.00
CA ALA B 72 -37.49 12.56 -2.24
C ALA B 72 -38.21 13.83 -2.71
N THR B 73 -37.51 14.64 -3.49
CA THR B 73 -38.04 15.89 -4.05
C THR B 73 -38.28 15.76 -5.55
N GLU B 74 -38.80 16.81 -6.16
CA GLU B 74 -39.01 16.86 -7.59
C GLU B 74 -37.70 16.68 -8.36
N LYS B 75 -36.61 17.21 -7.82
CA LYS B 75 -35.32 17.05 -8.47
C LYS B 75 -34.87 15.58 -8.43
N ASP B 76 -35.08 14.90 -7.30
CA ASP B 76 -34.79 13.47 -7.21
C ASP B 76 -35.55 12.67 -8.29
N LEU B 77 -36.82 13.02 -8.50
CA LEU B 77 -37.62 12.31 -9.50
C LEU B 77 -37.06 12.53 -10.90
N SER B 78 -36.71 13.76 -11.24
CA SER B 78 -36.21 14.01 -12.60
C SER B 78 -34.84 13.33 -12.80
N ASP B 79 -34.02 13.24 -11.75
CA ASP B 79 -32.77 12.48 -11.81
C ASP B 79 -33.01 10.99 -12.09
N LEU B 80 -33.94 10.39 -11.36
CA LEU B 80 -34.29 8.99 -11.60
C LEU B 80 -34.86 8.79 -13.03
N ILE B 81 -35.71 9.72 -13.47
CA ILE B 81 -36.27 9.65 -14.81
C ILE B 81 -35.17 9.72 -15.88
N SER B 82 -34.25 10.67 -15.70
CA SER B 82 -33.19 10.86 -16.67
C SER B 82 -32.26 9.65 -16.68
N GLU B 83 -32.06 9.04 -15.51
CA GLU B 83 -31.31 7.79 -15.47
C GLU B 83 -31.95 6.70 -16.30
N MET B 84 -33.26 6.53 -16.13
CA MET B 84 -34.04 5.56 -16.90
C MET B 84 -33.96 5.87 -18.40
N GLU B 85 -34.14 7.14 -18.76
CA GLU B 85 -34.07 7.52 -20.16
C GLU B 85 -32.68 7.22 -20.71
N MET B 86 -31.65 7.54 -19.94
CA MET B 86 -30.29 7.24 -20.38
C MET B 86 -30.09 5.74 -20.67
N MET B 87 -30.66 4.88 -19.82
CA MET B 87 -30.54 3.44 -20.01
C MET B 87 -31.23 2.97 -21.30
N LYS B 88 -32.42 3.51 -21.61
CA LYS B 88 -33.10 3.18 -22.88
C LYS B 88 -32.22 3.45 -24.10
N MET B 89 -31.59 4.61 -24.11
CA MET B 89 -30.67 4.99 -25.20
C MET B 89 -29.43 4.10 -25.30
N ILE B 90 -28.90 3.68 -24.16
CA ILE B 90 -27.65 2.94 -24.15
C ILE B 90 -27.83 1.53 -24.72
N GLY B 91 -28.97 0.91 -24.42
CA GLY B 91 -29.27 -0.37 -25.01
C GLY B 91 -28.57 -1.50 -24.28
N LYS B 92 -28.82 -2.74 -24.71
CA LYS B 92 -28.45 -3.91 -23.97
C LYS B 92 -27.00 -4.35 -24.19
N HIS B 93 -26.36 -4.85 -23.13
CA HIS B 93 -25.09 -5.54 -23.28
C HIS B 93 -24.94 -6.50 -22.11
N LYS B 94 -24.34 -7.65 -22.38
CA LYS B 94 -24.14 -8.68 -21.36
C LYS B 94 -23.41 -8.20 -20.09
N ASN B 95 -22.51 -7.24 -20.22
CA ASN B 95 -21.69 -6.86 -19.08
C ASN B 95 -22.04 -5.50 -18.49
N ILE B 96 -23.31 -5.11 -18.65
CA ILE B 96 -23.85 -3.98 -17.93
C ILE B 96 -25.18 -4.43 -17.32
N ILE B 97 -25.61 -3.72 -16.28
CA ILE B 97 -26.93 -3.89 -15.68
C ILE B 97 -27.96 -3.36 -16.67
N ASN B 98 -28.80 -4.22 -17.22
CA ASN B 98 -29.77 -3.78 -18.23
C ASN B 98 -31.13 -3.37 -17.70
N LEU B 99 -31.70 -2.35 -18.33
CA LEU B 99 -33.10 -1.96 -18.12
C LEU B 99 -34.05 -3.04 -18.62
N LEU B 100 -35.00 -3.46 -17.78
CA LEU B 100 -35.93 -4.51 -18.15
C LEU B 100 -37.37 -4.03 -18.21
N GLY B 101 -37.64 -2.88 -17.59
CA GLY B 101 -38.99 -2.36 -17.58
C GLY B 101 -39.15 -1.21 -16.61
N ALA B 102 -40.36 -0.67 -16.55
CA ALA B 102 -40.65 0.42 -15.62
C ALA B 102 -42.13 0.54 -15.34
N CYS B 103 -42.45 0.88 -14.10
CA CYS B 103 -43.81 1.31 -13.75
C CYS B 103 -43.77 2.82 -13.58
N THR B 104 -44.36 3.54 -14.52
CA THR B 104 -44.26 5.00 -14.53
C THR B 104 -45.62 5.66 -14.27
N GLN B 105 -46.69 4.89 -14.43
CA GLN B 105 -48.07 5.42 -14.38
C GLN B 105 -48.78 5.07 -13.09
N ASP B 106 -49.61 5.98 -12.60
CA ASP B 106 -50.50 5.71 -11.46
C ASP B 106 -49.71 5.17 -10.24
N GLY B 107 -48.76 5.94 -9.74
CA GLY B 107 -47.98 5.48 -8.61
C GLY B 107 -46.52 5.80 -8.74
N PRO B 108 -45.73 5.50 -7.68
CA PRO B 108 -44.30 5.84 -7.71
C PRO B 108 -43.56 5.22 -8.88
N LEU B 109 -42.54 5.95 -9.35
CA LEU B 109 -41.71 5.48 -10.45
C LEU B 109 -40.84 4.30 -10.01
N TYR B 110 -40.97 3.20 -10.74
CA TYR B 110 -40.14 2.02 -10.48
C TYR B 110 -39.28 1.75 -11.70
N VAL B 111 -37.97 1.73 -11.53
CA VAL B 111 -37.07 1.41 -12.64
C VAL B 111 -36.55 0.00 -12.43
N ILE B 112 -36.91 -0.91 -13.34
CA ILE B 112 -36.68 -2.33 -13.13
C ILE B 112 -35.47 -2.82 -13.92
N VAL B 113 -34.47 -3.31 -13.22
CA VAL B 113 -33.27 -3.81 -13.88
C VAL B 113 -32.94 -5.24 -13.45
N GLU B 114 -31.94 -5.81 -14.13
CA GLU B 114 -31.40 -7.14 -13.85
C GLU B 114 -30.89 -7.26 -12.42
N TYR B 115 -31.12 -8.41 -11.79
CA TYR B 115 -30.66 -8.64 -10.42
C TYR B 115 -29.34 -9.44 -10.40
N ALA B 116 -28.40 -9.01 -9.57
CA ALA B 116 -27.11 -9.68 -9.39
C ALA B 116 -26.99 -10.32 -8.00
N SER B 117 -27.16 -11.64 -7.91
CA SER B 117 -27.30 -12.31 -6.61
C SER B 117 -26.00 -12.43 -5.86
N LYS B 118 -24.87 -12.26 -6.52
CA LYS B 118 -23.61 -12.46 -5.80
C LYS B 118 -22.97 -11.16 -5.34
N GLY B 119 -23.75 -10.08 -5.30
CA GLY B 119 -23.26 -8.82 -4.78
C GLY B 119 -22.32 -8.06 -5.72
N ASN B 120 -21.53 -7.13 -5.18
CA ASN B 120 -20.56 -6.42 -5.98
C ASN B 120 -19.22 -7.13 -6.03
N LEU B 121 -18.39 -6.73 -6.98
CA LEU B 121 -17.14 -7.43 -7.25
C LEU B 121 -16.18 -7.47 -6.05
N ARG B 122 -16.16 -6.41 -5.25
CA ARG B 122 -15.33 -6.42 -4.03
C ARG B 122 -15.76 -7.56 -3.09
N GLU B 123 -17.06 -7.62 -2.78
CA GLU B 123 -17.60 -8.65 -1.91
C GLU B 123 -17.32 -10.03 -2.50
N TYR B 124 -17.55 -10.14 -3.80
CA TYR B 124 -17.38 -11.40 -4.51
C TYR B 124 -15.92 -11.90 -4.43
N LEU B 125 -14.99 -10.99 -4.60
CA LEU B 125 -13.58 -11.34 -4.52
C LEU B 125 -13.20 -11.66 -3.07
N GLN B 126 -13.69 -10.86 -2.12
CA GLN B 126 -13.33 -11.04 -0.71
C GLN B 126 -13.79 -12.39 -0.15
N ALA B 127 -15.00 -12.81 -0.50
CA ALA B 127 -15.55 -14.07 -0.01
C ALA B 127 -14.88 -15.30 -0.62
N ARG B 128 -14.08 -15.11 -1.65
CA ARG B 128 -13.46 -16.23 -2.36
C ARG B 128 -11.95 -16.22 -2.29
N ARG B 129 -11.40 -15.54 -1.29
CA ARG B 129 -9.96 -15.56 -1.06
C ARG B 129 -9.53 -16.96 -0.59
N PRO B 130 -8.41 -17.48 -1.13
CA PRO B 130 -7.79 -18.72 -0.66
C PRO B 130 -7.57 -18.74 0.85
N PRO B 131 -7.52 -19.94 1.46
CA PRO B 131 -7.35 -20.01 2.92
C PRO B 131 -5.95 -19.55 3.35
N GLU B 145 -16.20 -21.75 -3.82
CA GLU B 145 -15.99 -21.39 -5.22
C GLU B 145 -14.76 -20.49 -5.41
N GLN B 146 -13.57 -21.04 -5.25
CA GLN B 146 -12.37 -20.22 -5.35
C GLN B 146 -12.11 -19.77 -6.79
N LEU B 147 -11.22 -18.80 -6.95
CA LEU B 147 -10.97 -18.21 -8.25
C LEU B 147 -9.58 -18.55 -8.76
N SER B 148 -9.50 -19.05 -9.98
CA SER B 148 -8.21 -19.26 -10.63
C SER B 148 -7.63 -17.93 -11.10
N SER B 149 -6.37 -17.93 -11.52
CA SER B 149 -5.75 -16.76 -12.11
C SER B 149 -6.49 -16.38 -13.40
N LYS B 150 -7.00 -17.37 -14.09
CA LYS B 150 -7.77 -17.15 -15.33
C LYS B 150 -9.07 -16.39 -15.03
N ASP B 151 -9.76 -16.86 -13.98
CA ASP B 151 -10.98 -16.22 -13.50
C ASP B 151 -10.78 -14.74 -13.27
N LEU B 152 -9.67 -14.39 -12.63
CA LEU B 152 -9.44 -12.99 -12.30
C LEU B 152 -9.24 -12.17 -13.56
N VAL B 153 -8.47 -12.68 -14.51
CA VAL B 153 -8.27 -11.95 -15.76
C VAL B 153 -9.61 -11.87 -16.52
N SER B 154 -10.40 -12.92 -16.43
CA SER B 154 -11.71 -12.95 -17.04
C SER B 154 -12.62 -11.85 -16.49
N CYS B 155 -12.63 -11.68 -15.16
CA CYS B 155 -13.33 -10.57 -14.53
C CYS B 155 -12.90 -9.23 -15.14
N ALA B 156 -11.60 -9.01 -15.24
CA ALA B 156 -11.05 -7.77 -15.79
C ALA B 156 -11.51 -7.57 -17.23
N TYR B 157 -11.47 -8.66 -18.00
CA TYR B 157 -11.92 -8.65 -19.42
C TYR B 157 -13.39 -8.26 -19.54
N GLN B 158 -14.22 -8.95 -18.75
CA GLN B 158 -15.65 -8.67 -18.73
C GLN B 158 -15.94 -7.22 -18.39
N VAL B 159 -15.24 -6.69 -17.38
CA VAL B 159 -15.48 -5.30 -17.01
C VAL B 159 -15.03 -4.38 -18.14
N ALA B 160 -13.86 -4.66 -18.71
CA ALA B 160 -13.35 -3.88 -19.84
C ALA B 160 -14.33 -3.89 -21.01
N ARG B 161 -14.90 -5.06 -21.28
CA ARG B 161 -15.85 -5.18 -22.38
C ARG B 161 -17.13 -4.36 -22.14
N GLY B 162 -17.60 -4.37 -20.90
CA GLY B 162 -18.77 -3.58 -20.53
C GLY B 162 -18.49 -2.11 -20.71
N MET B 163 -17.29 -1.70 -20.30
CA MET B 163 -16.89 -0.31 -20.41
C MET B 163 -16.67 0.09 -21.87
N GLU B 164 -16.20 -0.83 -22.70
CA GLU B 164 -16.00 -0.49 -24.12
C GLU B 164 -17.39 -0.23 -24.74
N TYR B 165 -18.35 -1.06 -24.36
CA TYR B 165 -19.72 -0.89 -24.88
C TYR B 165 -20.28 0.45 -24.44
N LEU B 166 -20.19 0.77 -23.16
CA LEU B 166 -20.69 2.05 -22.68
C LEU B 166 -19.99 3.22 -23.36
N ALA B 167 -18.66 3.16 -23.43
CA ALA B 167 -17.89 4.19 -24.11
C ALA B 167 -18.40 4.42 -25.55
N SER B 168 -18.66 3.32 -26.25
CA SER B 168 -19.15 3.39 -27.62
C SER B 168 -20.54 4.05 -27.69
N LYS B 169 -21.23 4.09 -26.55
CA LYS B 169 -22.52 4.78 -26.48
C LYS B 169 -22.41 6.13 -25.79
N LYS B 170 -21.20 6.67 -25.75
CA LYS B 170 -20.94 7.99 -25.18
C LYS B 170 -21.26 8.08 -23.68
N CYS B 171 -21.34 6.93 -23.01
CA CYS B 171 -21.57 6.96 -21.57
C CYS B 171 -20.24 6.98 -20.79
N ILE B 172 -20.09 7.98 -19.92
CA ILE B 172 -18.91 8.08 -19.06
C ILE B 172 -19.32 7.69 -17.64
N HIS B 173 -18.59 6.77 -17.02
CA HIS B 173 -19.06 6.26 -15.72
C HIS B 173 -18.80 7.26 -14.59
N ARG B 174 -17.54 7.68 -14.43
CA ARG B 174 -17.10 8.68 -13.42
C ARG B 174 -16.90 8.08 -12.03
N ASP B 175 -17.32 6.83 -11.81
CA ASP B 175 -17.00 6.16 -10.55
C ASP B 175 -16.84 4.67 -10.77
N LEU B 176 -16.07 4.29 -11.79
CA LEU B 176 -15.85 2.89 -12.04
C LEU B 176 -15.00 2.33 -10.90
N ALA B 177 -15.50 1.29 -10.23
CA ALA B 177 -14.80 0.69 -9.10
C ALA B 177 -15.44 -0.66 -8.88
N ALA B 178 -14.77 -1.55 -8.17
CA ALA B 178 -15.33 -2.88 -7.95
C ALA B 178 -16.70 -2.79 -7.25
N ARG B 179 -16.89 -1.76 -6.44
CA ARG B 179 -18.19 -1.56 -5.77
C ARG B 179 -19.33 -1.34 -6.75
N ASN B 180 -19.01 -0.87 -7.96
CA ASN B 180 -20.02 -0.61 -8.98
C ASN B 180 -19.98 -1.60 -10.12
N VAL B 181 -19.36 -2.75 -9.87
CA VAL B 181 -19.50 -3.91 -10.73
C VAL B 181 -20.28 -4.98 -9.98
N LEU B 182 -21.43 -5.40 -10.52
CA LEU B 182 -22.22 -6.41 -9.84
C LEU B 182 -21.99 -7.76 -10.52
N VAL B 183 -22.20 -8.83 -9.77
CA VAL B 183 -21.91 -10.17 -10.24
C VAL B 183 -23.18 -11.04 -10.17
N THR B 184 -23.61 -11.62 -11.28
CA THR B 184 -24.84 -12.44 -11.31
C THR B 184 -24.64 -13.87 -10.80
N GLU B 185 -25.75 -14.60 -10.71
CA GLU B 185 -25.75 -15.98 -10.25
C GLU B 185 -24.86 -16.85 -11.13
N ASP B 186 -24.74 -16.50 -12.40
CA ASP B 186 -23.89 -17.25 -13.32
C ASP B 186 -22.52 -16.61 -13.50
N ASN B 187 -22.13 -15.77 -12.55
CA ASN B 187 -20.79 -15.16 -12.52
C ASN B 187 -20.51 -14.18 -13.64
N VAL B 188 -21.53 -13.50 -14.16
CA VAL B 188 -21.31 -12.49 -15.19
C VAL B 188 -21.03 -11.15 -14.51
N MET B 189 -20.00 -10.44 -14.95
CA MET B 189 -19.73 -9.08 -14.47
C MET B 189 -20.66 -8.07 -15.15
N LYS B 190 -21.35 -7.24 -14.37
CA LYS B 190 -22.18 -6.19 -14.94
C LYS B 190 -21.90 -4.85 -14.30
N ILE B 191 -21.49 -3.88 -15.10
CA ILE B 191 -21.27 -2.53 -14.61
C ILE B 191 -22.59 -1.89 -14.19
N ALA B 192 -22.62 -1.30 -13.01
CA ALA B 192 -23.85 -0.69 -12.48
C ALA B 192 -23.63 0.79 -12.26
N ASP B 193 -24.71 1.56 -12.22
CA ASP B 193 -24.66 2.96 -11.84
C ASP B 193 -23.86 3.82 -12.81
N PHE B 194 -23.87 3.43 -14.08
CA PHE B 194 -23.20 4.20 -15.11
C PHE B 194 -24.07 5.42 -15.45
N GLY B 195 -23.43 6.50 -15.92
CA GLY B 195 -24.12 7.79 -16.00
C GLY B 195 -24.24 8.41 -14.60
N LEU B 196 -25.35 9.11 -14.35
CA LEU B 196 -25.63 9.76 -13.06
C LEU B 196 -24.71 10.97 -12.82
N ILE B 203 -18.28 18.23 -5.77
CA ILE B 203 -18.18 16.87 -5.27
C ILE B 203 -17.59 16.84 -3.86
N ASP B 204 -18.17 16.03 -2.98
CA ASP B 204 -17.68 15.94 -1.62
C ASP B 204 -16.62 14.84 -1.47
N TYR B 205 -15.37 15.27 -1.43
CA TYR B 205 -14.22 14.38 -1.42
C TYR B 205 -14.09 13.58 -0.13
N TYR B 206 -14.67 14.11 0.95
CA TYR B 206 -14.57 13.49 2.26
C TYR B 206 -15.71 12.50 2.55
N LYS B 207 -16.67 12.44 1.62
CA LYS B 207 -17.77 11.49 1.74
C LYS B 207 -17.23 10.07 1.55
N LYS B 208 -17.56 9.18 2.48
CA LYS B 208 -17.12 7.79 2.40
C LYS B 208 -18.20 6.89 1.82
N THR B 209 -17.77 5.74 1.30
CA THR B 209 -18.68 4.69 0.85
C THR B 209 -19.30 3.97 2.06
N THR B 210 -20.31 3.14 1.78
CA THR B 210 -20.94 2.33 2.82
C THR B 210 -19.92 1.46 3.56
N ASN B 211 -18.86 1.06 2.85
CA ASN B 211 -17.81 0.23 3.43
C ASN B 211 -16.65 1.05 4.02
N GLY B 212 -16.78 2.38 3.98
CA GLY B 212 -15.79 3.24 4.62
C GLY B 212 -14.57 3.71 3.84
N ARG B 213 -14.63 3.65 2.51
CA ARG B 213 -13.50 4.09 1.68
C ARG B 213 -13.81 5.40 0.94
N LEU B 214 -12.77 6.05 0.44
CA LEU B 214 -12.92 7.34 -0.24
C LEU B 214 -12.87 7.19 -1.76
N PRO B 215 -13.99 7.44 -2.44
CA PRO B 215 -14.09 7.36 -3.89
C PRO B 215 -13.02 8.14 -4.67
N VAL B 216 -12.47 9.20 -4.07
CA VAL B 216 -11.44 9.97 -4.76
C VAL B 216 -10.21 9.12 -5.10
N LYS B 217 -10.07 7.97 -4.44
CA LYS B 217 -8.88 7.14 -4.67
C LYS B 217 -8.98 6.39 -5.99
N TRP B 218 -10.14 6.50 -6.65
CA TRP B 218 -10.35 5.92 -7.97
C TRP B 218 -10.33 6.97 -9.08
N MET B 219 -10.21 8.25 -8.71
CA MET B 219 -10.33 9.34 -9.68
C MET B 219 -9.02 9.67 -10.39
N ALA B 220 -9.06 9.72 -11.73
CA ALA B 220 -7.96 10.23 -12.55
C ALA B 220 -7.51 11.60 -12.06
N PRO B 221 -6.22 11.93 -12.24
CA PRO B 221 -5.76 13.23 -11.75
C PRO B 221 -6.50 14.39 -12.45
N GLU B 222 -6.69 14.29 -13.77
CA GLU B 222 -7.35 15.39 -14.47
C GLU B 222 -8.79 15.56 -14.02
N ALA B 223 -9.44 14.47 -13.61
CA ALA B 223 -10.80 14.58 -13.11
C ALA B 223 -10.78 15.17 -11.70
N LEU B 224 -9.81 14.73 -10.91
CA LEU B 224 -9.67 15.20 -9.54
C LEU B 224 -9.18 16.65 -9.45
N PHE B 225 -8.14 16.98 -10.21
CA PHE B 225 -7.54 18.30 -10.16
C PHE B 225 -8.19 19.32 -11.10
N ASP B 226 -8.54 18.89 -12.31
CA ASP B 226 -9.06 19.80 -13.34
C ASP B 226 -10.54 19.61 -13.71
N ARG B 227 -11.24 18.74 -12.98
CA ARG B 227 -12.65 18.42 -13.24
C ARG B 227 -12.93 18.03 -14.69
N ILE B 228 -11.96 17.36 -15.31
CA ILE B 228 -12.09 16.84 -16.66
C ILE B 228 -12.44 15.34 -16.63
N TYR B 229 -13.65 15.00 -17.06
CA TYR B 229 -14.07 13.61 -17.11
C TYR B 229 -14.17 13.14 -18.56
N THR B 230 -13.50 12.05 -18.88
CA THR B 230 -13.53 11.49 -20.22
C THR B 230 -13.60 9.97 -20.11
N HIS B 231 -13.67 9.31 -21.26
CA HIS B 231 -13.49 7.87 -21.30
C HIS B 231 -12.12 7.49 -20.74
N GLN B 232 -11.13 8.32 -21.03
CA GLN B 232 -9.76 8.08 -20.60
C GLN B 232 -9.60 8.23 -19.09
N SER B 233 -10.38 9.13 -18.48
CA SER B 233 -10.32 9.24 -17.03
C SER B 233 -10.97 8.00 -16.38
N ASP B 234 -11.99 7.43 -17.03
CA ASP B 234 -12.54 6.13 -16.63
C ASP B 234 -11.46 5.05 -16.76
N VAL B 235 -10.59 5.17 -17.75
CA VAL B 235 -9.54 4.18 -17.94
C VAL B 235 -8.60 4.14 -16.72
N TRP B 236 -8.27 5.32 -16.19
CA TRP B 236 -7.52 5.40 -14.92
C TRP B 236 -8.24 4.61 -13.83
N SER B 237 -9.54 4.87 -13.68
CA SER B 237 -10.37 4.19 -12.68
C SER B 237 -10.31 2.69 -12.90
N PHE B 238 -10.30 2.28 -14.16
CA PHE B 238 -10.22 0.87 -14.48
C PHE B 238 -8.92 0.27 -13.97
N GLY B 239 -7.85 1.07 -13.96
CA GLY B 239 -6.57 0.64 -13.44
C GLY B 239 -6.64 0.31 -11.95
N VAL B 240 -7.26 1.20 -11.19
CA VAL B 240 -7.47 0.97 -9.77
C VAL B 240 -8.34 -0.27 -9.61
N LEU B 241 -9.34 -0.41 -10.47
CA LEU B 241 -10.23 -1.59 -10.41
C LEU B 241 -9.43 -2.87 -10.66
N LEU B 242 -8.53 -2.82 -11.63
CA LEU B 242 -7.60 -3.93 -11.87
C LEU B 242 -6.80 -4.30 -10.60
N TRP B 243 -6.31 -3.28 -9.90
CA TRP B 243 -5.58 -3.49 -8.65
C TRP B 243 -6.48 -4.17 -7.61
N GLU B 244 -7.72 -3.70 -7.52
CA GLU B 244 -8.71 -4.31 -6.64
C GLU B 244 -8.92 -5.78 -6.96
N ILE B 245 -8.97 -6.10 -8.24
CA ILE B 245 -9.19 -7.49 -8.63
C ILE B 245 -8.01 -8.34 -8.19
N PHE B 246 -6.80 -7.91 -8.50
CA PHE B 246 -5.67 -8.79 -8.26
C PHE B 246 -5.17 -8.74 -6.80
N THR B 247 -5.75 -7.85 -5.98
CA THR B 247 -5.56 -7.96 -4.54
C THR B 247 -6.76 -8.66 -3.89
N LEU B 248 -7.59 -9.31 -4.70
CA LEU B 248 -8.82 -9.95 -4.22
C LEU B 248 -9.64 -9.06 -3.32
N GLY B 249 -9.87 -7.83 -3.77
CA GLY B 249 -10.75 -6.91 -3.07
C GLY B 249 -10.03 -6.03 -2.08
N GLY B 250 -8.74 -5.82 -2.31
CA GLY B 250 -7.94 -4.96 -1.46
C GLY B 250 -8.46 -3.54 -1.47
N SER B 251 -8.05 -2.78 -0.48
CA SER B 251 -8.49 -1.42 -0.28
C SER B 251 -7.36 -0.47 -0.68
N PRO B 252 -7.60 0.38 -1.69
CA PRO B 252 -6.57 1.31 -2.17
C PRO B 252 -6.20 2.35 -1.12
N TYR B 253 -4.90 2.57 -0.96
CA TYR B 253 -4.39 3.63 -0.08
C TYR B 253 -5.03 3.61 1.33
N PRO B 254 -4.90 2.48 2.05
CA PRO B 254 -5.56 2.45 3.37
C PRO B 254 -4.94 3.45 4.34
N GLY B 255 -5.78 4.24 5.01
CA GLY B 255 -5.37 5.20 6.00
C GLY B 255 -4.90 6.53 5.43
N VAL B 256 -5.02 6.71 4.13
CA VAL B 256 -4.60 7.94 3.48
C VAL B 256 -5.78 8.89 3.33
N PRO B 257 -5.76 10.04 4.03
CA PRO B 257 -6.87 10.98 3.91
C PRO B 257 -6.78 11.76 2.59
N VAL B 258 -7.84 12.49 2.26
CA VAL B 258 -7.91 13.19 0.98
C VAL B 258 -6.73 14.11 0.71
N GLU B 259 -6.36 14.91 1.69
CA GLU B 259 -5.29 15.88 1.47
C GLU B 259 -3.97 15.18 1.15
N GLU B 260 -3.74 14.01 1.73
CA GLU B 260 -2.50 13.28 1.44
C GLU B 260 -2.55 12.57 0.09
N LEU B 261 -3.75 12.15 -0.31
CA LEU B 261 -3.91 11.53 -1.62
C LEU B 261 -3.51 12.50 -2.73
N PHE B 262 -3.95 13.74 -2.60
CA PHE B 262 -3.56 14.81 -3.51
C PHE B 262 -2.06 14.87 -3.65
N LYS B 263 -1.40 14.88 -2.50
CA LYS B 263 0.04 14.99 -2.45
C LYS B 263 0.70 13.82 -3.16
N LEU B 264 0.24 12.60 -2.89
CA LEU B 264 0.77 11.43 -3.60
C LEU B 264 0.62 11.55 -5.11
N LEU B 265 -0.55 11.99 -5.56
CA LEU B 265 -0.81 12.12 -6.99
C LEU B 265 0.15 13.15 -7.59
N LYS B 266 0.32 14.28 -6.90
CA LYS B 266 1.24 15.33 -7.35
C LYS B 266 2.67 14.82 -7.47
N GLU B 267 3.06 13.90 -6.59
CA GLU B 267 4.41 13.35 -6.61
C GLU B 267 4.51 12.24 -7.64
N GLY B 268 3.43 11.98 -8.36
CA GLY B 268 3.45 10.94 -9.38
C GLY B 268 3.57 9.56 -8.75
N HIS B 269 3.14 9.46 -7.51
CA HIS B 269 3.14 8.19 -6.80
C HIS B 269 2.21 7.18 -7.46
N ARG B 270 2.63 5.92 -7.46
CA ARG B 270 1.82 4.85 -8.04
C ARG B 270 1.84 3.66 -7.09
N MET B 271 0.68 3.06 -6.85
CA MET B 271 0.57 1.90 -5.98
C MET B 271 1.52 0.80 -6.43
N ASP B 272 2.09 0.12 -5.45
CA ASP B 272 2.98 -1.02 -5.67
C ASP B 272 2.28 -2.12 -6.43
N LYS B 273 3.07 -2.91 -7.14
CA LYS B 273 2.58 -4.13 -7.74
C LYS B 273 2.14 -5.16 -6.69
N PRO B 274 0.90 -5.63 -6.78
CA PRO B 274 0.41 -6.66 -5.87
C PRO B 274 1.13 -7.99 -6.06
N SER B 275 1.24 -8.80 -5.01
CA SER B 275 1.75 -10.15 -5.19
C SER B 275 0.68 -10.89 -5.98
N ASN B 276 1.03 -12.00 -6.62
CA ASN B 276 0.05 -12.75 -7.40
C ASN B 276 -0.44 -11.87 -8.55
N CYS B 277 0.51 -11.26 -9.25
CA CYS B 277 0.18 -10.37 -10.34
C CYS B 277 1.35 -10.34 -11.28
N THR B 278 1.13 -10.71 -12.54
CA THR B 278 2.20 -10.74 -13.53
C THR B 278 2.76 -9.34 -13.81
N ASN B 279 3.98 -9.25 -14.33
CA ASN B 279 4.53 -7.97 -14.77
C ASN B 279 3.64 -7.31 -15.83
N GLU B 280 3.08 -8.11 -16.72
CA GLU B 280 2.22 -7.61 -17.80
C GLU B 280 0.98 -6.89 -17.26
N LEU B 281 0.27 -7.54 -16.33
CA LEU B 281 -0.93 -6.94 -15.76
C LEU B 281 -0.59 -5.66 -14.96
N TYR B 282 0.57 -5.64 -14.31
CA TYR B 282 0.98 -4.46 -13.57
C TYR B 282 1.33 -3.31 -14.53
N MET B 283 1.99 -3.61 -15.64
CA MET B 283 2.25 -2.57 -16.64
C MET B 283 0.91 -2.10 -17.28
N MET B 284 -0.06 -3.00 -17.38
CA MET B 284 -1.40 -2.57 -17.80
C MET B 284 -1.96 -1.56 -16.80
N MET B 285 -1.80 -1.81 -15.50
CA MET B 285 -2.25 -0.86 -14.48
C MET B 285 -1.53 0.48 -14.60
N ARG B 286 -0.20 0.42 -14.67
CA ARG B 286 0.63 1.63 -14.79
C ARG B 286 0.29 2.36 -16.09
N ASP B 287 0.01 1.61 -17.14
CA ASP B 287 -0.41 2.27 -18.40
C ASP B 287 -1.73 3.02 -18.21
N CYS B 288 -2.70 2.40 -17.53
CA CYS B 288 -3.96 3.09 -17.19
C CYS B 288 -3.69 4.31 -16.36
N TRP B 289 -2.59 4.29 -15.60
CA TRP B 289 -2.27 5.39 -14.71
C TRP B 289 -1.29 6.41 -15.31
N HIS B 290 -1.20 6.46 -16.65
CA HIS B 290 -0.40 7.49 -17.31
C HIS B 290 -0.92 8.85 -16.92
N ALA B 291 -0.01 9.76 -16.57
CA ALA B 291 -0.38 11.13 -16.28
C ALA B 291 -1.10 11.75 -17.47
N VAL B 292 -0.69 11.38 -18.68
CA VAL B 292 -1.28 11.92 -19.91
C VAL B 292 -2.41 11.04 -20.42
N PRO B 293 -3.63 11.54 -20.34
CA PRO B 293 -4.81 10.73 -20.68
C PRO B 293 -4.73 10.06 -22.06
N SER B 294 -4.19 10.74 -23.07
CA SER B 294 -4.12 10.17 -24.42
C SER B 294 -3.10 9.04 -24.52
N GLN B 295 -2.21 8.96 -23.53
CA GLN B 295 -1.22 7.90 -23.47
C GLN B 295 -1.73 6.66 -22.73
N ARG B 296 -2.87 6.80 -22.05
CA ARG B 296 -3.50 5.64 -21.43
C ARG B 296 -4.06 4.82 -22.56
N PRO B 297 -4.13 3.49 -22.38
CA PRO B 297 -4.85 2.70 -23.39
C PRO B 297 -6.33 3.08 -23.43
N THR B 298 -6.99 2.79 -24.54
CA THR B 298 -8.44 2.94 -24.63
C THR B 298 -9.09 1.65 -24.17
N PHE B 299 -10.42 1.70 -23.97
CA PHE B 299 -11.11 0.49 -23.54
C PHE B 299 -11.09 -0.54 -24.64
N LYS B 300 -11.10 -0.07 -25.88
CA LYS B 300 -10.95 -0.96 -27.03
C LYS B 300 -9.59 -1.67 -26.96
N GLN B 301 -8.52 -0.93 -26.70
CA GLN B 301 -7.19 -1.54 -26.56
C GLN B 301 -7.15 -2.49 -25.35
N LEU B 302 -7.75 -2.05 -24.23
CA LEU B 302 -7.78 -2.89 -23.03
C LEU B 302 -8.50 -4.21 -23.25
N VAL B 303 -9.63 -4.15 -23.96
CA VAL B 303 -10.40 -5.35 -24.29
C VAL B 303 -9.59 -6.31 -25.17
N GLU B 304 -8.89 -5.76 -26.16
CA GLU B 304 -8.04 -6.56 -27.04
C GLU B 304 -6.91 -7.24 -26.26
N ASP B 305 -6.20 -6.49 -25.43
CA ASP B 305 -5.12 -7.08 -24.63
C ASP B 305 -5.60 -8.12 -23.62
N LEU B 306 -6.70 -7.83 -22.94
CA LEU B 306 -7.21 -8.73 -21.91
C LEU B 306 -7.70 -10.02 -22.56
N ASP B 307 -8.31 -9.87 -23.72
CA ASP B 307 -8.67 -11.03 -24.55
C ASP B 307 -7.46 -11.93 -24.78
N ARG B 308 -6.39 -11.35 -25.33
CA ARG B 308 -5.17 -12.11 -25.55
C ARG B 308 -4.60 -12.69 -24.24
N ILE B 309 -4.60 -11.91 -23.15
CA ILE B 309 -4.02 -12.40 -21.90
C ILE B 309 -4.85 -13.53 -21.26
N VAL B 310 -6.19 -13.44 -21.30
CA VAL B 310 -7.04 -14.51 -20.74
C VAL B 310 -6.71 -15.88 -21.31
N ALA B 311 -6.63 -15.95 -22.64
CA ALA B 311 -6.36 -17.19 -23.37
C ALA B 311 -5.00 -17.79 -23.00
N LEU B 312 -4.05 -16.94 -22.62
CA LEU B 312 -2.69 -17.35 -22.27
C LEU B 312 -2.53 -17.57 -20.76
N THR B 313 -3.61 -17.38 -20.02
CA THR B 313 -3.56 -17.52 -18.57
C THR B 313 -4.13 -18.88 -18.18
N SER B 314 -3.38 -19.62 -17.36
CA SER B 314 -3.79 -20.95 -16.89
C SER B 314 -5.03 -20.91 -16.01
N ASN B 315 -5.87 -21.92 -16.10
CA ASN B 315 -6.99 -22.07 -15.15
C ASN B 315 -6.66 -23.05 -14.03
N GLN B 316 -5.39 -23.46 -13.95
CA GLN B 316 -4.94 -24.41 -12.95
C GLN B 316 -4.76 -23.74 -11.60
C10 3ZC C . -29.35 0.25 -10.97
C13 3ZC C . -29.05 -1.42 -8.76
C17 3ZC C . -28.49 -4.50 -6.89
C20 3ZC C . -27.87 -6.11 -4.70
C21 3ZC C . -28.06 -6.69 -5.97
C22 3ZC C . -28.38 -5.85 -7.10
C24 3ZC C . -28.87 -5.59 -9.42
C28 3ZC C . -26.99 -8.80 -2.27
C01 3ZC C . -27.10 3.20 -14.28
N02 3ZC C . -28.25 2.80 -13.55
C03 3ZC C . -28.23 1.54 -12.88
O04 3ZC C . -27.25 0.81 -12.95
C05 3ZC C . -29.48 1.10 -12.11
C06 3ZC C . -30.75 1.53 -12.53
C07 3ZC C . -31.91 1.13 -11.84
C08 3ZC C . -31.78 0.28 -10.73
C09 3ZC C . -30.48 -0.16 -10.29
C11 3ZC C . -28.06 -0.19 -10.53
C12 3ZC C . -27.90 -1.02 -9.43
C14 3ZC C . -30.33 -1.01 -9.15
O15 3ZC C . -28.90 -2.26 -7.65
C16 3ZC C . -28.80 -3.63 -8.01
C18 3ZC C . -28.29 -3.91 -5.60
C19 3ZC C . -27.98 -4.73 -4.50
N23 3ZC C . -28.57 -6.37 -8.36
C25 3ZC C . -29.01 -4.19 -9.32
O26 3ZC C . -27.55 -6.87 -3.53
C27 3ZC C . -27.34 -8.26 -3.68
C29 3ZC C . -26.98 -10.31 -2.08
C30 3ZC C . -28.14 -9.48 -1.54
N31 3ZC C . -26.11 -8.04 -1.43
O32 3ZC C . -27.80 -4.19 -3.20
C33 3ZC C . -27.69 -2.77 -3.17
S SO4 D . -15.93 -0.03 -1.39
O1 SO4 D . -14.81 -0.18 -2.32
O2 SO4 D . -16.57 1.25 -1.62
O3 SO4 D . -16.91 -1.10 -1.58
O4 SO4 D . -15.42 -0.07 -0.02
#